data_4FUE
#
_entry.id   4FUE
#
_cell.length_a   54.700
_cell.length_b   53.400
_cell.length_c   80.250
_cell.angle_alpha   90.000
_cell.angle_beta   90.000
_cell.angle_gamma   90.000
#
_symmetry.space_group_name_H-M   'P 21 21 21'
#
loop_
_entity.id
_entity.type
_entity.pdbx_description
1 polymer 'Urokinase-type plasminogen activator'
2 non-polymer 6-(1,2,3,4-tetrahydroisoquinolin-6-ylethynyl)naphthalene-2-carboximidamide
3 non-polymer 'SUCCINIC ACID'
4 non-polymer 'SULFATE ION'
5 non-polymer GLYCEROL
6 non-polymer 'ACETATE ION'
7 water water
#
_entity_poly.entity_id   1
_entity_poly.type   'polypeptide(L)'
_entity_poly.pdbx_seq_one_letter_code
;IIGGEFTTIENQPWFAAIYRRHRGGSVTYVCGGSLISPCWVISATHCFIDYPKKEDYIVYLGRSRLNSNTQGEMKFEVEN
LILHKDYSADTLAHHNDIALLKIRSKEGRCAQPSRTIQTIALPSMYNDPQFGTSCEITGFGKEQSTDYLYPEQLKMTVVK
LISHRECQQPHYYGSEVTTKMLCAADPQWKTDSCQGDSGGPLVCSLQGRMTLTGIVSWGRGCALKDKPGVYTRVSHFLPW
IRSHTK
;
_entity_poly.pdbx_strand_id   A
#
loop_
_chem_comp.id
_chem_comp.type
_chem_comp.name
_chem_comp.formula
7UP non-polymer 6-(1,2,3,4-tetrahydroisoquinolin-6-ylethynyl)naphthalene-2-carboximidamide 'C22 H19 N3'
ACT non-polymer 'ACETATE ION' 'C2 H3 O2 -1'
GOL non-polymer GLYCEROL 'C3 H8 O3'
SIN non-polymer 'SUCCINIC ACID' 'C4 H6 O4'
SO4 non-polymer 'SULFATE ION' 'O4 S -2'
#
# COMPACT_ATOMS: atom_id res chain seq x y z
N ILE A 1 -1.39 8.74 -7.38
CA ILE A 1 -2.71 9.25 -6.98
C ILE A 1 -3.25 10.27 -8.02
N ILE A 2 -4.43 9.98 -8.59
CA ILE A 2 -5.13 10.89 -9.54
C ILE A 2 -5.91 11.88 -8.70
N GLY A 3 -5.75 13.17 -8.97
CA GLY A 3 -6.42 14.21 -8.19
C GLY A 3 -5.90 14.23 -6.78
N GLY A 4 -6.76 14.54 -5.83
CA GLY A 4 -6.37 14.62 -4.43
C GLY A 4 -5.50 15.83 -4.15
N GLU A 5 -4.55 15.70 -3.20
CA GLU A 5 -3.67 16.81 -2.80
C GLU A 5 -2.25 16.36 -2.49
N PHE A 6 -1.28 17.28 -2.61
CA PHE A 6 0.10 16.99 -2.21
C PHE A 6 0.14 16.97 -0.69
N THR A 7 1.05 16.17 -0.11
CA THR A 7 1.13 16.05 1.34
C THR A 7 2.61 15.88 1.75
N THR A 8 2.88 15.69 3.05
CA THR A 8 4.21 15.42 3.57
C THR A 8 4.10 14.21 4.52
N ILE A 9 5.24 13.54 4.79
CA ILE A 9 5.30 12.32 5.62
C ILE A 9 4.75 12.51 7.05
N GLU A 10 4.76 13.73 7.63
CA GLU A 10 4.24 13.95 8.98
C GLU A 10 2.73 13.63 9.07
N ASN A 11 1.99 13.75 7.94
CA ASN A 11 0.56 13.44 7.89
C ASN A 11 0.29 11.95 7.64
N GLN A 12 1.31 11.19 7.19
CA GLN A 12 1.25 9.77 6.83
CA GLN A 12 1.21 9.75 6.90
C GLN A 12 2.50 9.06 7.39
N PRO A 13 2.80 9.11 8.72
CA PRO A 13 4.10 8.58 9.21
C PRO A 13 4.34 7.07 9.17
N TRP A 14 3.31 6.29 8.84
CA TRP A 14 3.41 4.83 8.66
C TRP A 14 3.80 4.52 7.23
N PHE A 15 3.76 5.54 6.32
CA PHE A 15 4.06 5.31 4.92
C PHE A 15 5.55 4.98 4.66
N ALA A 16 5.76 3.81 4.02
CA ALA A 16 7.09 3.31 3.64
C ALA A 16 7.27 3.48 2.14
N ALA A 17 8.42 4.04 1.73
CA ALA A 17 8.80 4.26 0.34
C ALA A 17 9.78 3.17 -0.03
N ILE A 18 9.39 2.31 -0.98
CA ILE A 18 10.19 1.14 -1.35
C ILE A 18 10.75 1.29 -2.77
N TYR A 19 12.10 1.14 -2.85
CA TYR A 19 12.91 1.27 -4.07
C TYR A 19 13.69 0.00 -4.33
N ARG A 20 14.09 -0.18 -5.58
CA ARG A 20 14.90 -1.32 -5.98
C ARG A 20 16.22 -0.85 -6.59
N ARG A 21 17.31 -1.51 -6.20
CA ARG A 21 18.66 -1.31 -6.73
CA ARG A 21 18.64 -1.25 -6.76
C ARG A 21 18.80 -2.17 -7.96
N HIS A 22 19.18 -1.60 -9.09
CA HIS A 22 19.38 -2.37 -10.32
C HIS A 22 20.85 -2.67 -10.48
N ARG A 23 21.21 -3.65 -11.35
CA ARG A 23 22.60 -3.92 -11.69
C ARG A 23 23.16 -2.64 -12.35
N GLY A 24 24.29 -2.16 -11.84
CA GLY A 24 24.88 -0.90 -12.31
C GLY A 24 24.76 0.22 -11.30
N GLY A 25 23.98 -0.03 -10.23
CA GLY A 25 23.80 0.91 -9.13
C GLY A 25 22.68 1.93 -9.20
N SER A 26 21.84 1.93 -10.28
CA SER A 26 20.74 2.90 -10.32
C SER A 26 19.61 2.39 -9.42
N VAL A 27 18.89 3.31 -8.83
CA VAL A 27 17.78 3.07 -7.89
C VAL A 27 16.50 3.74 -8.44
N THR A 28 15.39 2.95 -8.49
CA THR A 28 14.09 3.42 -8.95
C THR A 28 12.99 3.04 -7.94
N TYR A 29 11.94 3.88 -7.89
CA TYR A 29 10.80 3.63 -7.02
C TYR A 29 10.00 2.41 -7.50
N VAL A 30 9.46 1.62 -6.54
CA VAL A 30 8.71 0.40 -6.85
C VAL A 30 7.25 0.55 -6.42
N CYS A 31 7.04 0.62 -5.09
CA CYS A 31 5.70 0.63 -4.50
C CYS A 31 5.75 1.29 -3.14
N GLY A 32 4.56 1.47 -2.58
CA GLY A 32 4.40 1.93 -1.22
C GLY A 32 4.31 0.75 -0.27
N GLY A 33 4.29 1.08 1.00
CA GLY A 33 4.19 0.11 2.07
C GLY A 33 3.70 0.79 3.33
N SER A 34 3.45 -0.01 4.38
CA SER A 34 3.00 0.52 5.66
C SER A 34 3.74 -0.14 6.83
N LEU A 35 4.22 0.67 7.76
CA LEU A 35 4.91 0.17 8.94
C LEU A 35 3.88 -0.39 9.94
N ILE A 36 3.92 -1.71 10.20
CA ILE A 36 2.93 -2.31 11.13
C ILE A 36 3.53 -2.58 12.53
N SER A 37 4.87 -2.65 12.62
CA SER A 37 5.67 -2.80 13.85
C SER A 37 7.10 -2.28 13.53
N PRO A 38 7.99 -1.93 14.51
CA PRO A 38 9.31 -1.35 14.15
C PRO A 38 10.16 -2.14 13.15
N CYS A 39 10.05 -3.49 13.15
CA CYS A 39 10.83 -4.34 12.24
C CYS A 39 10.02 -4.75 11.00
N TRP A 40 8.73 -4.40 10.89
CA TRP A 40 7.92 -4.94 9.80
C TRP A 40 7.10 -3.94 8.95
N VAL A 41 7.29 -4.02 7.64
CA VAL A 41 6.59 -3.25 6.63
C VAL A 41 5.67 -4.20 5.86
N ILE A 42 4.40 -3.81 5.65
CA ILE A 42 3.44 -4.62 4.88
C ILE A 42 3.19 -3.92 3.53
N SER A 43 3.15 -4.71 2.46
CA SER A 43 2.97 -4.21 1.10
C SER A 43 2.19 -5.25 0.28
N ALA A 44 2.27 -5.21 -1.05
CA ALA A 44 1.56 -6.16 -1.91
C ALA A 44 2.57 -7.08 -2.60
N THR A 45 2.27 -8.39 -2.67
CA THR A 45 3.21 -9.33 -3.31
C THR A 45 3.47 -8.98 -4.79
N HIS A 46 2.46 -8.48 -5.56
CA HIS A 46 2.66 -8.18 -6.99
C HIS A 46 3.81 -7.16 -7.24
N CYS A 47 4.21 -6.39 -6.20
CA CYS A 47 5.29 -5.42 -6.30
C CYS A 47 6.67 -6.09 -6.35
N PHE A 48 6.80 -7.33 -5.84
CA PHE A 48 8.09 -8.01 -5.65
C PHE A 48 8.25 -9.34 -6.36
N ILE A 49 7.14 -9.94 -6.77
CA ILE A 49 7.08 -11.30 -7.34
C ILE A 49 8.05 -11.51 -8.54
N ASP A 50 8.30 -10.49 -9.38
CA ASP A 50 9.22 -10.60 -10.53
C ASP A 50 10.69 -10.40 -10.14
N TYR A 51 10.95 -9.78 -8.97
CA TYR A 51 12.32 -9.53 -8.49
C TYR A 51 12.38 -9.96 -7.02
N PRO A 52 12.40 -11.26 -6.70
CA PRO A 52 12.27 -11.68 -5.30
C PRO A 52 13.56 -11.71 -4.45
N LYS A 53 14.61 -10.97 -4.83
CA LYS A 53 15.85 -10.95 -4.01
C LYS A 53 15.76 -9.84 -3.00
N LYS A 54 15.79 -10.18 -1.70
CA LYS A 54 15.66 -9.18 -0.63
C LYS A 54 16.79 -8.11 -0.64
N GLU A 55 18.05 -8.49 -1.04
CA GLU A 55 19.19 -7.57 -1.01
CA GLU A 55 19.22 -7.61 -1.05
C GLU A 55 19.04 -6.38 -1.97
N ASP A 56 18.17 -6.50 -2.99
CA ASP A 56 17.93 -5.45 -4.00
C ASP A 56 17.09 -4.26 -3.52
N TYR A 57 16.35 -4.41 -2.41
CA TYR A 57 15.41 -3.41 -1.96
C TYR A 57 15.95 -2.47 -0.90
N ILE A 58 15.49 -1.22 -1.00
CA ILE A 58 15.76 -0.12 -0.08
C ILE A 58 14.40 0.38 0.41
N VAL A 59 14.27 0.51 1.72
CA VAL A 59 13.04 1.01 2.36
C VAL A 59 13.37 2.27 3.13
N TYR A 60 12.58 3.31 2.90
CA TYR A 60 12.67 4.55 3.64
C TYR A 60 11.43 4.77 4.47
N LEU A 61 11.64 5.25 5.68
CA LEU A 61 10.61 5.69 6.58
C LEU A 61 10.90 7.19 6.83
N GLY A 62 9.85 7.99 6.95
CA GLY A 62 9.99 9.43 7.18
C GLY A 62 10.47 10.23 5.98
N ARG A 63 10.24 9.70 4.77
CA ARG A 63 10.57 10.33 3.50
C ARG A 63 9.32 10.91 2.86
N SER A 64 9.39 12.22 2.50
CA SER A 64 8.29 13.02 1.93
C SER A 64 8.39 13.24 0.43
N ARG A 65 9.59 13.09 -0.11
CA ARG A 65 9.84 13.33 -1.52
C ARG A 65 10.63 12.20 -2.12
N LEU A 66 10.34 11.88 -3.38
CA LEU A 66 10.88 10.78 -4.15
C LEU A 66 12.40 10.83 -4.28
N ASN A 67 12.99 12.04 -4.43
CA ASN A 67 14.42 12.23 -4.60
C ASN A 67 14.98 13.30 -3.64
N SER A 68 14.56 13.22 -2.39
CA SER A 68 15.06 14.11 -1.35
C SER A 68 15.30 13.33 -0.09
N ASN A 69 16.37 13.67 0.62
CA ASN A 69 16.68 13.07 1.91
C ASN A 69 15.96 13.94 2.93
N THR A 70 14.69 13.61 3.21
CA THR A 70 13.88 14.36 4.17
C THR A 70 14.54 14.29 5.55
N GLN A 71 14.67 15.44 6.23
CA GLN A 71 15.24 15.51 7.57
C GLN A 71 14.46 14.55 8.50
N GLY A 72 15.20 13.69 9.21
CA GLY A 72 14.63 12.70 10.11
C GLY A 72 14.33 11.35 9.48
N GLU A 73 14.57 11.20 8.16
CA GLU A 73 14.30 9.95 7.47
C GLU A 73 15.30 8.87 7.90
N MET A 74 14.88 7.61 7.76
CA MET A 74 15.67 6.42 8.12
CA MET A 74 15.75 6.48 8.07
C MET A 74 15.73 5.50 6.91
N LYS A 75 16.91 4.98 6.57
CA LYS A 75 17.10 4.09 5.44
C LYS A 75 17.33 2.66 5.95
N PHE A 76 16.72 1.66 5.26
CA PHE A 76 16.85 0.27 5.67
C PHE A 76 17.05 -0.66 4.51
N GLU A 77 17.58 -1.83 4.82
CA GLU A 77 17.67 -2.96 3.91
C GLU A 77 16.64 -3.97 4.36
N VAL A 78 16.35 -4.98 3.52
CA VAL A 78 15.34 -6.01 3.83
C VAL A 78 16.05 -7.29 4.34
N GLU A 79 15.82 -7.61 5.62
CA GLU A 79 16.36 -8.78 6.30
C GLU A 79 15.57 -10.03 5.92
N ASN A 80 14.28 -9.87 5.63
CA ASN A 80 13.41 -10.98 5.25
C ASN A 80 12.29 -10.46 4.37
N LEU A 81 12.20 -11.01 3.15
CA LEU A 81 11.14 -10.67 2.21
C LEU A 81 10.17 -11.84 2.18
N ILE A 82 8.95 -11.63 2.68
CA ILE A 82 7.95 -12.71 2.74
C ILE A 82 6.81 -12.43 1.76
N LEU A 83 6.66 -13.33 0.80
CA LEU A 83 5.60 -13.23 -0.21
C LEU A 83 4.53 -14.27 0.11
N HIS A 84 3.24 -13.94 -0.14
CA HIS A 84 2.16 -14.89 0.11
C HIS A 84 2.28 -16.09 -0.84
N LYS A 85 2.36 -17.32 -0.28
CA LYS A 85 2.51 -18.53 -1.08
C LYS A 85 1.32 -18.79 -2.04
N ASP A 86 0.12 -18.25 -1.76
CA ASP A 86 -1.00 -18.44 -2.66
C ASP A 86 -1.33 -17.16 -3.49
N TYR A 87 -0.35 -16.25 -3.65
CA TYR A 87 -0.49 -15.08 -4.51
C TYR A 87 -0.67 -15.57 -5.97
N SER A 88 -1.60 -14.95 -6.71
CA SER A 88 -1.82 -15.26 -8.13
C SER A 88 -2.45 -14.05 -8.86
N ALA A 89 -2.22 -13.93 -10.18
CA ALA A 89 -2.75 -12.83 -10.98
C ALA A 89 -3.62 -13.35 -12.12
N ASP A 90 -4.78 -12.75 -12.29
CA ASP A 90 -5.69 -13.00 -13.41
C ASP A 90 -5.53 -11.77 -14.31
N THR A 91 -6.30 -11.66 -15.41
CA THR A 91 -6.21 -10.52 -16.35
C THR A 91 -6.33 -9.16 -15.61
N LEU A 92 -7.22 -9.10 -14.61
CA LEU A 92 -7.44 -7.89 -13.83
CA LEU A 92 -7.44 -7.89 -13.85
C LEU A 92 -7.13 -8.13 -12.37
N ALA A 93 -7.81 -9.11 -11.74
CA ALA A 93 -7.72 -9.41 -10.33
C ALA A 93 -6.41 -10.04 -9.88
N HIS A 94 -5.90 -9.56 -8.75
CA HIS A 94 -4.75 -10.13 -8.04
C HIS A 94 -5.32 -10.82 -6.80
N HIS A 95 -4.80 -12.00 -6.48
CA HIS A 95 -5.29 -12.79 -5.34
C HIS A 95 -4.22 -12.91 -4.30
N ASN A 96 -4.60 -12.81 -3.00
CA ASN A 96 -3.65 -12.88 -1.88
C ASN A 96 -2.48 -11.88 -2.14
N ASP A 97 -2.83 -10.64 -2.50
CA ASP A 97 -1.87 -9.57 -2.83
C ASP A 97 -1.36 -8.88 -1.56
N ILE A 98 -0.50 -9.61 -0.83
CA ILE A 98 0.01 -9.17 0.48
C ILE A 98 1.44 -9.71 0.65
N ALA A 99 2.32 -8.87 1.18
CA ALA A 99 3.73 -9.18 1.40
C ALA A 99 4.22 -8.56 2.69
N LEU A 100 5.24 -9.16 3.32
CA LEU A 100 5.86 -8.61 4.53
C LEU A 100 7.35 -8.41 4.34
N LEU A 101 7.87 -7.25 4.75
CA LEU A 101 9.28 -6.95 4.65
C LEU A 101 9.87 -6.66 6.05
N LYS A 102 10.78 -7.55 6.53
CA LYS A 102 11.48 -7.31 7.79
C LYS A 102 12.64 -6.38 7.48
N ILE A 103 12.65 -5.20 8.14
CA ILE A 103 13.62 -4.13 7.85
C ILE A 103 14.76 -4.07 8.90
N ARG A 104 15.93 -3.61 8.44
CA ARG A 104 17.16 -3.56 9.21
C ARG A 104 18.04 -2.38 8.77
N SER A 105 18.51 -1.56 9.72
CA SER A 105 19.45 -0.47 9.42
C SER A 105 20.83 -1.11 9.20
N LYS A 106 21.84 -0.37 8.70
CA LYS A 106 23.16 -0.99 8.50
C LYS A 106 23.80 -1.42 9.85
N GLU A 107 23.32 -0.88 10.97
CA GLU A 107 23.78 -1.21 12.33
C GLU A 107 23.02 -2.42 12.87
N GLY A 108 22.04 -2.89 12.11
CA GLY A 108 21.25 -4.06 12.47
C GLY A 108 20.03 -3.75 13.32
N ARG A 109 19.56 -2.52 13.26
CA ARG A 109 18.43 -2.06 14.06
C ARG A 109 17.15 -1.88 13.26
N CYS A 110 16.01 -1.94 13.96
CA CYS A 110 14.72 -1.73 13.35
C CYS A 110 14.39 -0.25 13.42
N ALA A 111 13.21 0.16 12.95
CA ALA A 111 12.80 1.57 12.96
C ALA A 111 12.73 2.12 14.37
N GLN A 112 13.11 3.38 14.50
CA GLN A 112 13.06 4.12 15.74
C GLN A 112 11.88 5.08 15.60
N PRO A 113 10.73 4.80 16.25
CA PRO A 113 9.57 5.68 16.09
C PRO A 113 9.89 7.13 16.49
N SER A 114 9.35 8.06 15.72
CA SER A 114 9.54 9.50 15.88
C SER A 114 8.26 10.24 15.44
N ARG A 115 8.30 11.57 15.34
CA ARG A 115 7.15 12.36 14.88
C ARG A 115 6.77 12.02 13.42
N THR A 116 7.78 11.68 12.59
CA THR A 116 7.59 11.37 11.16
C THR A 116 7.66 9.85 10.87
N ILE A 117 7.94 8.99 11.88
CA ILE A 117 7.99 7.52 11.70
C ILE A 117 7.16 6.89 12.79
N GLN A 118 5.97 6.36 12.44
CA GLN A 118 5.05 5.74 13.38
CA GLN A 118 5.01 5.76 13.36
C GLN A 118 4.39 4.50 12.77
N THR A 119 3.88 3.59 13.59
CA THR A 119 3.22 2.41 13.03
C THR A 119 1.72 2.75 12.74
N ILE A 120 1.01 1.86 12.00
CA ILE A 120 -0.44 1.92 11.74
C ILE A 120 -1.07 0.65 12.31
N ALA A 121 -2.19 0.81 13.04
CA ALA A 121 -2.89 -0.32 13.65
C ALA A 121 -3.57 -1.23 12.60
N LEU A 122 -3.48 -2.54 12.83
CA LEU A 122 -4.13 -3.54 12.00
C LEU A 122 -5.63 -3.61 12.35
N PRO A 123 -6.50 -4.01 11.40
CA PRO A 123 -7.94 -4.15 11.74
C PRO A 123 -8.22 -5.40 12.58
N SER A 124 -9.45 -5.49 13.13
CA SER A 124 -9.89 -6.67 13.90
C SER A 124 -10.73 -7.54 12.96
N MET A 125 -10.83 -8.86 13.25
CA MET A 125 -11.57 -9.75 12.34
CA MET A 125 -11.58 -9.81 12.40
C MET A 125 -13.08 -9.45 12.35
N TYR A 126 -13.69 -9.58 11.15
CA TYR A 126 -15.12 -9.36 10.83
C TYR A 126 -15.63 -7.97 11.25
N ASN A 127 -14.74 -6.96 11.24
CA ASN A 127 -15.10 -5.60 11.60
C ASN A 127 -14.46 -4.59 10.62
N ASP A 128 -14.93 -4.58 9.38
CA ASP A 128 -14.48 -3.61 8.39
C ASP A 128 -15.54 -2.49 8.29
N PRO A 129 -15.19 -1.25 7.84
CA PRO A 129 -16.22 -0.21 7.76
C PRO A 129 -17.32 -0.54 6.77
N GLN A 130 -18.51 0.04 6.96
CA GLN A 130 -19.66 -0.19 6.06
C GLN A 130 -19.45 0.55 4.73
N PHE A 131 -20.16 0.15 3.65
CA PHE A 131 -20.08 0.84 2.36
C PHE A 131 -20.50 2.34 2.55
N GLY A 132 -19.87 3.23 1.79
CA GLY A 132 -20.12 4.67 1.88
C GLY A 132 -19.15 5.39 2.80
N THR A 133 -18.39 4.64 3.62
CA THR A 133 -17.37 5.17 4.55
C THR A 133 -16.23 5.81 3.77
N SER A 134 -15.80 7.01 4.17
CA SER A 134 -14.69 7.69 3.53
C SER A 134 -13.36 7.17 4.10
N CYS A 135 -12.40 6.85 3.21
CA CYS A 135 -11.08 6.35 3.60
C CYS A 135 -10.00 7.08 2.79
N GLU A 136 -8.77 7.13 3.31
CA GLU A 136 -7.68 7.82 2.62
C GLU A 136 -6.66 6.85 2.02
N ILE A 137 -6.03 7.29 0.94
CA ILE A 137 -4.97 6.55 0.27
C ILE A 137 -3.78 7.47 0.13
N THR A 138 -2.58 6.90 0.11
CA THR A 138 -1.33 7.63 0.01
C THR A 138 -0.41 6.95 -0.96
N GLY A 139 0.36 7.73 -1.69
CA GLY A 139 1.37 7.16 -2.58
C GLY A 139 2.10 8.16 -3.43
N PHE A 140 3.18 7.67 -4.05
CA PHE A 140 4.00 8.40 -5.01
C PHE A 140 3.60 7.97 -6.44
N GLY A 141 2.45 7.30 -6.58
CA GLY A 141 1.94 6.80 -7.86
C GLY A 141 1.57 7.87 -8.87
N LYS A 142 1.27 7.47 -10.11
CA LYS A 142 0.94 8.39 -11.23
C LYS A 142 -0.16 9.37 -10.90
N GLU A 143 -0.01 10.61 -11.40
CA GLU A 143 -1.01 11.67 -11.27
C GLU A 143 -2.04 11.58 -12.39
N GLN A 144 -1.64 10.97 -13.52
CA GLN A 144 -2.50 10.73 -14.69
C GLN A 144 -2.07 9.41 -15.28
N SER A 145 -3.00 8.66 -15.88
CA SER A 145 -2.67 7.37 -16.49
C SER A 145 -1.64 7.53 -17.60
N THR A 146 -1.68 8.67 -18.32
CA THR A 146 -0.77 8.94 -19.43
C THR A 146 0.63 9.40 -18.95
N ASP A 147 0.85 9.66 -17.66
CA ASP A 147 2.19 10.01 -17.18
C ASP A 147 3.12 8.79 -17.14
N TYR A 148 4.43 8.98 -17.35
CA TYR A 148 5.39 7.89 -17.23
C TYR A 148 6.27 8.17 -15.98
N LEU A 149 6.35 9.45 -15.56
CA LEU A 149 7.07 9.88 -14.36
C LEU A 149 6.14 9.88 -13.17
N TYR A 150 6.70 9.69 -11.97
CA TYR A 150 5.95 9.79 -10.74
C TYR A 150 6.13 11.19 -10.12
N PRO A 151 5.13 11.71 -9.35
CA PRO A 151 5.29 13.01 -8.72
C PRO A 151 6.46 13.02 -7.73
N GLU A 152 7.16 14.15 -7.66
CA GLU A 152 8.30 14.33 -6.75
C GLU A 152 7.83 14.37 -5.30
N GLN A 153 6.66 14.97 -5.07
CA GLN A 153 6.07 15.14 -3.77
C GLN A 153 4.98 14.08 -3.52
N LEU A 154 4.99 13.52 -2.31
CA LEU A 154 4.01 12.53 -1.86
C LEU A 154 2.58 13.11 -1.99
N LYS A 155 1.61 12.27 -2.40
CA LYS A 155 0.20 12.69 -2.51
C LYS A 155 -0.72 11.84 -1.66
N MET A 156 -1.95 12.33 -1.44
CA MET A 156 -3.02 11.63 -0.75
C MET A 156 -4.38 11.99 -1.37
N THR A 157 -5.36 11.13 -1.15
CA THR A 157 -6.74 11.46 -1.54
C THR A 157 -7.69 10.72 -0.62
N VAL A 158 -8.98 11.04 -0.76
CA VAL A 158 -10.04 10.39 0.01
C VAL A 158 -11.03 9.77 -0.98
N VAL A 159 -11.40 8.50 -0.74
CA VAL A 159 -12.34 7.73 -1.57
C VAL A 159 -13.43 7.08 -0.67
N LYS A 160 -14.52 6.57 -1.27
CA LYS A 160 -15.58 5.92 -0.49
C LYS A 160 -15.63 4.44 -0.78
N LEU A 161 -15.78 3.64 0.28
CA LEU A 161 -15.90 2.20 0.17
C LEU A 161 -17.17 1.84 -0.56
N ILE A 162 -17.08 0.83 -1.43
CA ILE A 162 -18.20 0.35 -2.25
C ILE A 162 -18.54 -1.09 -1.81
N SER A 163 -19.85 -1.41 -1.71
CA SER A 163 -20.30 -2.74 -1.29
C SER A 163 -19.83 -3.82 -2.28
N HIS A 164 -19.71 -5.07 -1.79
CA HIS A 164 -19.36 -6.20 -2.65
C HIS A 164 -20.42 -6.40 -3.78
N ARG A 165 -21.74 -6.29 -3.46
CA ARG A 165 -22.83 -6.47 -4.44
C ARG A 165 -22.83 -5.39 -5.54
N GLU A 166 -22.46 -4.14 -5.19
CA GLU A 166 -22.35 -3.08 -6.19
C GLU A 166 -21.10 -3.34 -7.03
N CYS A 167 -19.98 -3.75 -6.38
CA CYS A 167 -18.76 -3.97 -7.11
C CYS A 167 -18.83 -5.19 -8.05
N GLN A 168 -19.74 -6.15 -7.77
CA GLN A 168 -19.97 -7.35 -8.58
C GLN A 168 -20.99 -7.11 -9.69
N GLN A 169 -21.49 -5.87 -9.85
CA GLN A 169 -22.44 -5.56 -10.94
C GLN A 169 -21.75 -5.78 -12.29
N PRO A 170 -22.50 -6.14 -13.37
CA PRO A 170 -21.85 -6.39 -14.67
C PRO A 170 -21.01 -5.23 -15.21
N HIS A 171 -21.46 -3.95 -15.11
CA HIS A 171 -20.68 -2.81 -15.60
C HIS A 171 -19.48 -2.49 -14.69
N TYR A 172 -19.46 -3.03 -13.45
CA TYR A 172 -18.33 -2.85 -12.54
C TYR A 172 -17.32 -4.00 -12.80
N TYR A 173 -17.16 -4.97 -11.88
CA TYR A 173 -16.18 -6.07 -12.09
C TYR A 173 -16.78 -7.49 -12.09
N GLY A 174 -18.11 -7.64 -11.98
CA GLY A 174 -18.74 -8.96 -11.98
C GLY A 174 -18.22 -9.86 -10.90
N SER A 175 -18.06 -11.17 -11.22
CA SER A 175 -17.53 -12.16 -10.26
C SER A 175 -15.99 -12.10 -10.09
N GLU A 176 -15.30 -11.21 -10.85
CA GLU A 176 -13.83 -11.06 -10.78
C GLU A 176 -13.36 -10.46 -9.46
N VAL A 177 -14.21 -9.67 -8.77
CA VAL A 177 -13.85 -9.11 -7.46
C VAL A 177 -14.47 -10.06 -6.41
N THR A 178 -13.69 -10.46 -5.39
CA THR A 178 -14.15 -11.47 -4.42
C THR A 178 -14.38 -10.86 -3.05
N THR A 179 -14.88 -11.68 -2.08
CA THR A 179 -15.14 -11.22 -0.70
C THR A 179 -13.81 -10.96 0.06
N LYS A 180 -12.65 -11.38 -0.48
CA LYS A 180 -11.33 -11.10 0.13
C LYS A 180 -10.77 -9.74 -0.37
N MET A 181 -11.57 -9.04 -1.17
CA MET A 181 -11.20 -7.77 -1.80
C MET A 181 -12.17 -6.67 -1.43
N LEU A 182 -11.67 -5.45 -1.31
CA LEU A 182 -12.50 -4.31 -0.97
C LEU A 182 -12.47 -3.27 -2.09
N CYS A 183 -13.65 -2.81 -2.53
CA CYS A 183 -13.72 -1.76 -3.55
C CYS A 183 -13.87 -0.43 -2.91
N ALA A 184 -13.24 0.58 -3.52
CA ALA A 184 -13.34 1.96 -3.06
C ALA A 184 -13.11 2.92 -4.22
N ALA A 185 -13.94 3.99 -4.32
CA ALA A 185 -13.83 4.97 -5.40
C ALA A 185 -14.46 6.32 -5.03
N ASP A 186 -14.31 7.27 -5.96
CA ASP A 186 -14.93 8.59 -5.92
C ASP A 186 -16.30 8.46 -6.58
N PRO A 187 -17.44 8.89 -5.95
CA PRO A 187 -18.75 8.82 -6.65
C PRO A 187 -18.78 9.59 -7.99
N GLN A 188 -17.90 10.59 -8.18
CA GLN A 188 -17.77 11.39 -9.41
C GLN A 188 -16.61 10.91 -10.31
N TRP A 189 -15.92 9.81 -9.93
CA TRP A 189 -14.85 9.17 -10.71
C TRP A 189 -13.70 10.15 -11.14
N LYS A 190 -13.30 11.08 -10.25
CA LYS A 190 -12.26 12.08 -10.56
C LYS A 190 -10.95 11.85 -9.78
N THR A 191 -11.00 11.12 -8.66
CA THR A 191 -9.83 10.83 -7.87
C THR A 191 -9.77 9.34 -7.59
N ASP A 192 -8.53 8.78 -7.51
CA ASP A 192 -8.30 7.35 -7.32
C ASP A 192 -6.83 7.05 -7.03
N SER A 193 -6.51 5.79 -6.70
CA SER A 193 -5.12 5.36 -6.69
C SER A 193 -4.80 4.99 -8.15
N CYS A 194 -3.52 4.80 -8.46
CA CYS A 194 -3.08 4.44 -9.80
C CYS A 194 -1.76 3.67 -9.70
N GLN A 195 -1.22 3.26 -10.85
CA GLN A 195 0.07 2.56 -10.93
C GLN A 195 1.16 3.32 -10.15
N GLY A 196 1.88 2.61 -9.28
CA GLY A 196 2.91 3.21 -8.43
C GLY A 196 2.41 3.39 -7.01
N ASP A 197 1.07 3.40 -6.82
CA ASP A 197 0.47 3.50 -5.48
C ASP A 197 0.30 2.12 -4.86
N SER A 198 0.47 1.04 -5.65
CA SER A 198 0.32 -0.36 -5.20
C SER A 198 1.13 -0.65 -3.96
N GLY A 199 0.61 -1.53 -3.10
CA GLY A 199 1.29 -1.88 -1.86
C GLY A 199 1.07 -0.90 -0.73
N GLY A 200 0.64 0.30 -1.08
CA GLY A 200 0.36 1.39 -0.16
C GLY A 200 -0.92 1.24 0.64
N PRO A 201 -1.09 2.12 1.66
CA PRO A 201 -2.25 1.98 2.56
C PRO A 201 -3.59 2.54 2.09
N LEU A 202 -4.66 1.86 2.53
CA LEU A 202 -6.04 2.33 2.49
C LEU A 202 -6.38 2.39 3.98
N VAL A 203 -6.32 3.60 4.54
CA VAL A 203 -6.52 3.81 5.96
C VAL A 203 -7.94 4.33 6.21
N CYS A 204 -8.68 3.60 7.06
CA CYS A 204 -10.02 3.98 7.44
C CYS A 204 -10.06 4.31 8.91
N SER A 205 -10.77 5.37 9.27
CA SER A 205 -11.03 5.68 10.66
C SER A 205 -12.29 4.90 11.03
N LEU A 206 -12.17 3.93 11.92
CA LEU A 206 -13.30 3.12 12.29
C LEU A 206 -13.39 3.10 13.79
N GLN A 207 -14.54 3.55 14.31
CA GLN A 207 -14.84 3.60 15.74
C GLN A 207 -13.76 4.42 16.48
N GLY A 208 -13.35 5.55 15.88
CA GLY A 208 -12.33 6.46 16.37
C GLY A 208 -10.87 6.06 16.13
N ARG A 209 -10.63 4.87 15.57
CA ARG A 209 -9.27 4.38 15.37
C ARG A 209 -8.82 4.33 13.91
N MET A 210 -7.61 4.88 13.63
CA MET A 210 -7.00 4.86 12.30
C MET A 210 -6.51 3.42 12.06
N THR A 211 -7.05 2.80 11.02
CA THR A 211 -6.78 1.39 10.77
C THR A 211 -6.26 1.11 9.36
N LEU A 212 -5.37 0.11 9.21
CA LEU A 212 -4.92 -0.30 7.89
C LEU A 212 -5.98 -1.25 7.33
N THR A 213 -7.04 -0.70 6.70
CA THR A 213 -8.18 -1.52 6.21
C THR A 213 -7.83 -2.25 4.91
N GLY A 214 -7.05 -1.60 4.07
CA GLY A 214 -6.68 -2.22 2.80
C GLY A 214 -5.29 -1.89 2.34
N ILE A 215 -4.85 -2.63 1.34
CA ILE A 215 -3.57 -2.44 0.64
C ILE A 215 -3.93 -2.24 -0.81
N VAL A 216 -3.42 -1.15 -1.44
CA VAL A 216 -3.68 -0.87 -2.87
C VAL A 216 -3.29 -2.11 -3.69
N SER A 217 -4.26 -2.70 -4.43
CA SER A 217 -3.96 -3.92 -5.17
C SER A 217 -4.15 -3.78 -6.68
N TRP A 218 -5.38 -3.50 -7.17
CA TRP A 218 -5.62 -3.44 -8.63
C TRP A 218 -6.82 -2.58 -9.01
N GLY A 219 -6.99 -2.40 -10.32
CA GLY A 219 -8.08 -1.61 -10.87
C GLY A 219 -7.99 -1.48 -12.37
N ARG A 220 -9.17 -1.32 -13.03
CA ARG A 220 -9.26 -1.14 -14.47
C ARG A 220 -9.04 0.36 -14.74
N GLY A 221 -7.88 0.68 -15.32
CA GLY A 221 -7.47 2.06 -15.59
C GLY A 221 -7.32 2.76 -14.26
N CYS A 222 -7.37 4.10 -14.24
CA CYS A 222 -7.31 4.88 -13.01
C CYS A 222 -8.38 5.97 -13.08
N ALA A 223 -9.26 6.04 -12.04
CA ALA A 223 -10.37 7.00 -11.97
C ALA A 223 -11.35 6.87 -13.19
N LEU A 224 -11.60 5.62 -13.64
CA LEU A 224 -12.54 5.38 -14.74
C LEU A 224 -13.95 5.12 -14.18
N LYS A 225 -14.98 5.65 -14.86
CA LYS A 225 -16.41 5.46 -14.49
C LYS A 225 -16.72 3.94 -14.33
N ASP A 226 -17.35 3.57 -13.20
CA ASP A 226 -17.77 2.19 -12.83
C ASP A 226 -16.62 1.23 -12.65
N LYS A 227 -15.39 1.76 -12.46
CA LYS A 227 -14.19 0.93 -12.30
C LYS A 227 -13.43 1.34 -11.01
N PRO A 228 -13.93 0.89 -9.83
CA PRO A 228 -13.28 1.26 -8.56
C PRO A 228 -11.86 0.74 -8.39
N GLY A 229 -11.16 1.31 -7.42
CA GLY A 229 -9.88 0.80 -6.97
C GLY A 229 -10.21 -0.44 -6.17
N VAL A 230 -9.37 -1.50 -6.29
CA VAL A 230 -9.59 -2.75 -5.55
C VAL A 230 -8.40 -2.96 -4.59
N TYR A 231 -8.71 -3.28 -3.34
CA TYR A 231 -7.75 -3.36 -2.26
C TYR A 231 -7.81 -4.70 -1.57
N THR A 232 -6.65 -5.20 -1.12
CA THR A 232 -6.57 -6.41 -0.31
C THR A 232 -7.29 -6.13 1.01
N ARG A 233 -8.24 -6.99 1.42
CA ARG A 233 -8.96 -6.79 2.67
C ARG A 233 -8.08 -7.38 3.77
N VAL A 234 -7.33 -6.51 4.45
CA VAL A 234 -6.34 -6.86 5.47
C VAL A 234 -6.97 -7.74 6.59
N SER A 235 -8.23 -7.45 7.02
CA SER A 235 -8.91 -8.21 8.09
C SER A 235 -8.98 -9.73 7.79
N HIS A 236 -9.00 -10.13 6.52
CA HIS A 236 -8.98 -11.56 6.19
C HIS A 236 -7.60 -12.17 6.43
N PHE A 237 -6.55 -11.37 6.40
CA PHE A 237 -5.19 -11.88 6.45
C PHE A 237 -4.53 -11.84 7.83
N LEU A 238 -5.26 -11.47 8.90
CA LEU A 238 -4.74 -11.41 10.26
C LEU A 238 -4.05 -12.74 10.71
N PRO A 239 -4.58 -13.98 10.46
CA PRO A 239 -3.81 -15.18 10.88
C PRO A 239 -2.48 -15.29 10.12
N TRP A 240 -2.47 -14.96 8.81
CA TRP A 240 -1.25 -15.02 7.98
C TRP A 240 -0.18 -13.99 8.47
N ILE A 241 -0.61 -12.74 8.80
CA ILE A 241 0.32 -11.69 9.28
C ILE A 241 0.93 -12.10 10.62
N ARG A 242 0.09 -12.60 11.57
CA ARG A 242 0.56 -13.02 12.90
CA ARG A 242 0.55 -13.04 12.89
C ARG A 242 1.62 -14.12 12.77
N SER A 243 1.31 -15.18 11.98
CA SER A 243 2.19 -16.34 11.81
CA SER A 243 2.18 -16.33 11.80
C SER A 243 3.52 -15.97 11.16
N HIS A 244 3.52 -15.03 10.20
CA HIS A 244 4.74 -14.66 9.52
C HIS A 244 5.56 -13.58 10.22
N THR A 245 5.07 -13.01 11.33
CA THR A 245 5.84 -11.99 12.06
C THR A 245 6.30 -12.54 13.44
N LYS A 246 5.81 -13.75 13.83
CA LYS A 246 6.11 -14.39 15.12
C LYS A 246 7.60 -14.69 15.26
N2 7UP B . -7.74 2.18 -10.35
C1 7UP B . -6.87 1.88 -9.31
N1 7UP B . -7.06 2.20 -8.11
C2 7UP B . -5.59 1.13 -9.59
C11 7UP B . -5.02 1.13 -10.86
C10 7UP B . -3.76 0.49 -11.09
C5 7UP B . -3.09 -0.18 -10.00
C4 7UP B . -3.70 -0.16 -8.69
C3 7UP B . -4.91 0.47 -8.48
C9 7UP B . -3.19 0.47 -12.40
C8 7UP B . -2.01 -0.20 -12.65
C7 7UP B . -1.36 -0.90 -11.57
C6 7UP B . -1.88 -0.90 -10.27
C12 7UP B . -0.18 -1.66 -11.86
C13 7UP B . 0.78 -2.33 -12.10
C14 7UP B . 1.88 -3.18 -12.34
C22 7UP B . 1.84 -4.46 -11.76
C21 7UP B . 2.89 -5.36 -11.97
C17 7UP B . 4.02 -4.96 -12.77
C16 7UP B . 4.04 -3.68 -13.33
C15 7UP B . 2.97 -2.79 -13.12
C20 7UP B . 2.76 -6.76 -11.39
C19 7UP B . 3.87 -7.77 -11.82
N3 7UP B . 4.65 -7.38 -13.02
C18 7UP B . 5.13 -5.97 -13.02
H3 7UP B . -8.59 2.70 -10.19
H1 7UP B . -7.58 1.89 -11.31
H2 7UP B . -7.94 2.67 -7.90
H9 7UP B . -5.46 1.65 -11.69
H5 7UP B . -3.18 -0.65 -7.87
H4 7UP B . -5.37 0.46 -7.49
H8 7UP B . -3.71 0.98 -13.22
H7 7UP B . -1.55 -0.21 -13.64
H6 7UP B . -1.41 -1.47 -9.48
H19 7UP B . 0.99 -4.74 -11.15
H11 7UP B . 4.90 -3.36 -13.94
H10 7UP B . 3.00 -1.78 -13.56
H18 7UP B . 2.75 -6.66 -10.31
H17 7UP B . 1.78 -7.19 -11.63
H16 7UP B . 4.58 -7.89 -11.00
H15 7UP B . 3.43 -8.75 -11.97
H14 7UP B . 4.12 -7.56 -13.86
H12 7UP B . 5.58 -5.76 -14.00
H13 7UP B . 5.95 -5.87 -12.31
C1 SIN C . 5.36 -2.47 -10.02
O1 SIN C . 6.50 -2.75 -10.34
O2 SIN C . 4.68 -3.33 -9.20
C2 SIN C . 4.70 -1.18 -10.57
C3 SIN C . 4.05 -0.35 -9.49
C4 SIN C . 2.66 -0.88 -9.13
O3 SIN C . 1.73 -0.12 -9.01
O4 SIN C . 2.50 -2.20 -8.95
S SO4 D . -9.73 -15.08 -3.83
O1 SO4 D . -9.06 -13.84 -4.28
O2 SO4 D . -10.84 -14.71 -2.95
O3 SO4 D . -8.78 -15.93 -3.09
O4 SO4 D . -10.21 -15.79 -4.99
S SO4 E . -12.83 -13.54 6.94
O1 SO4 E . -12.54 -13.42 5.51
O2 SO4 E . -12.88 -12.20 7.56
O3 SO4 E . -11.76 -14.34 7.59
O4 SO4 E . -14.12 -14.22 7.09
C1 GOL F . 8.33 3.34 -12.09
O1 GOL F . 8.47 2.00 -11.62
C2 GOL F . 8.97 4.31 -11.09
O2 GOL F . 10.30 3.89 -10.74
C3 GOL F . 8.96 5.76 -11.60
O3 GOL F . 9.47 6.59 -10.51
C1 GOL G . 16.76 6.30 -3.39
O1 GOL G . 17.67 5.67 -2.48
C2 GOL G . 17.28 7.67 -3.77
O2 GOL G . 17.33 8.47 -2.59
C3 GOL G . 16.34 8.36 -4.75
O3 GOL G . 16.38 7.67 -5.99
C1 GOL H . 17.81 -5.34 -12.53
O1 GOL H . 19.21 -5.08 -12.52
C2 GOL H . 17.25 -4.94 -13.90
O2 GOL H . 17.59 -3.58 -14.14
C3 GOL H . 15.74 -5.03 -13.86
O3 GOL H . 15.11 -3.93 -14.54
C ACT I . -15.98 -14.78 -3.53
O ACT I . -16.52 -14.11 -4.40
OXT ACT I . -15.77 -14.35 -2.43
CH3 ACT I . -15.47 -16.13 -3.78
C ACT J . -10.92 -13.27 -16.97
O ACT J . -10.06 -12.96 -17.83
OXT ACT J . -10.69 -14.19 -16.15
CH3 ACT J . -12.21 -12.51 -16.98
#